data_8W8S
#
_entry.id   8W8S
#
_cell.length_a   1.00
_cell.length_b   1.00
_cell.length_c   1.00
_cell.angle_alpha   90.00
_cell.angle_beta   90.00
_cell.angle_gamma   90.00
#
_symmetry.space_group_name_H-M   'P 1'
#
loop_
_entity.id
_entity.type
_entity.pdbx_description
1 polymer 'Probable G-protein coupled receptor 101'
2 non-polymer 1-(4-methylpyridin-2-yl)-3-[3-(trifluoromethyl)phenyl]thiourea
#
_entity_poly.entity_id   1
_entity_poly.type   'polypeptide(L)'
_entity_poly.pdbx_seq_one_letter_code
;MTSTCTNSTRESNSSHTCMPLSKMPISLAHGIIRSTVLVIFLAASFVGNIVLALVLQRKPQLLQVTNRFIFNLLVTDLLQ
ISLVAPWVVATSVPLFWPLNSHFCTALVSLTHLFAFASVNTIVVVSVDRYLSIIHPLSYPSKMTQRRGYLLLYGTWIVAI
LQSTPPLYGWGQAAFDERNALCSMIWGASPSYTILSVVSFIVIPLIVMIACYSVVFCAARRQHALLYNVKRHSLEVRVKD
CVENEDEEGAEKKEEFQDESEFRRQHEGEVKAKEGRMEAKDGSLKAKEGSTGTSESSVEARGSEEVRESSTVASDGSMEG
KEGSTKVEENSMKADKGRTEVNQCSIDLGEDDMEFGEDDINFSEDDVEAVNIPESLPPSRRNSNSNPPLPRCYQCKAAKV
IFIIIFSYVLSLGPYCFLAVLAVWVDVETQVPQWVITIIIWLFFLQCCIHPYVYGYMHKTIKKEIQDMLKKFFCKEKPPK
EDSHPDLPGTEGGTEGKIVPSYDSATFP
;
_entity_poly.pdbx_strand_id   R
#
# COMPACT_ATOMS: atom_id res chain seq x y z
N SER A 27 5.03 27.52 -5.23
CA SER A 27 5.64 28.51 -4.35
C SER A 27 5.59 28.06 -2.90
N LEU A 28 5.92 28.98 -1.99
CA LEU A 28 5.86 28.66 -0.56
C LEU A 28 4.43 28.35 -0.12
N ALA A 29 3.47 29.13 -0.62
CA ALA A 29 2.07 28.89 -0.25
C ALA A 29 1.58 27.54 -0.76
N HIS A 30 2.04 27.13 -1.95
CA HIS A 30 1.64 25.82 -2.48
C HIS A 30 2.15 24.69 -1.58
N GLY A 31 3.41 24.79 -1.16
CA GLY A 31 3.95 23.78 -0.25
C GLY A 31 3.26 23.79 1.10
N ILE A 32 2.91 24.98 1.60
CA ILE A 32 2.19 25.08 2.86
C ILE A 32 0.83 24.42 2.75
N ILE A 33 0.12 24.65 1.64
CA ILE A 33 -1.18 24.02 1.43
C ILE A 33 -1.03 22.51 1.35
N ARG A 34 0.00 22.04 0.62
CA ARG A 34 0.23 20.59 0.51
C ARG A 34 0.47 19.97 1.88
N SER A 35 1.33 20.60 2.69
CA SER A 35 1.62 20.07 4.02
C SER A 35 0.38 20.10 4.91
N THR A 36 -0.41 21.17 4.83
CA THR A 36 -1.62 21.26 5.64
C THR A 36 -2.63 20.18 5.26
N VAL A 37 -2.81 19.92 3.96
CA VAL A 37 -3.78 18.92 3.53
C VAL A 37 -3.27 17.49 3.69
N LEU A 38 -1.95 17.30 3.80
CA LEU A 38 -1.38 15.97 4.00
C LEU A 38 -1.64 15.44 5.41
N VAL A 39 -2.13 16.29 6.31
CA VAL A 39 -2.30 15.94 7.71
C VAL A 39 -3.66 15.32 7.99
N ILE A 40 -4.72 15.84 7.35
CA ILE A 40 -6.07 15.39 7.66
C ILE A 40 -6.28 13.94 7.23
N PHE A 41 -5.83 13.60 6.01
CA PHE A 41 -5.96 12.23 5.54
C PHE A 41 -5.28 11.25 6.47
N LEU A 42 -4.05 11.57 6.88
CA LEU A 42 -3.27 10.71 7.76
C LEU A 42 -3.87 10.62 9.15
N ALA A 43 -4.42 11.72 9.69
CA ALA A 43 -5.08 11.70 10.98
C ALA A 43 -6.34 10.86 10.98
N ALA A 44 -7.13 10.89 9.90
CA ALA A 44 -8.28 10.01 9.78
C ALA A 44 -7.88 8.54 9.61
N SER A 45 -6.85 8.28 8.80
CA SER A 45 -6.34 6.93 8.65
C SER A 45 -5.83 6.36 9.96
N PHE A 46 -5.25 7.22 10.80
CA PHE A 46 -4.70 6.79 12.12
C PHE A 46 -5.84 6.25 12.99
N VAL A 47 -6.95 6.99 13.08
CA VAL A 47 -8.06 6.56 13.93
C VAL A 47 -8.77 5.35 13.34
N GLY A 48 -8.90 5.30 12.01
CA GLY A 48 -9.49 4.12 11.39
C GLY A 48 -8.68 2.87 11.66
N ASN A 49 -7.36 2.96 11.50
CA ASN A 49 -6.49 1.82 11.75
C ASN A 49 -6.51 1.42 13.22
N ILE A 50 -6.60 2.38 14.13
CA ILE A 50 -6.66 2.06 15.55
C ILE A 50 -7.96 1.32 15.89
N VAL A 51 -9.08 1.78 15.31
CA VAL A 51 -10.36 1.10 15.54
C VAL A 51 -10.29 -0.33 15.00
N LEU A 52 -9.73 -0.50 13.81
CA LEU A 52 -9.59 -1.84 13.24
C LEU A 52 -8.69 -2.71 14.12
N ALA A 53 -7.61 -2.13 14.66
CA ALA A 53 -6.72 -2.88 15.53
C ALA A 53 -7.45 -3.35 16.78
N LEU A 54 -8.26 -2.48 17.38
CA LEU A 54 -9.01 -2.87 18.56
C LEU A 54 -10.00 -3.98 18.24
N VAL A 55 -10.73 -3.84 17.14
CA VAL A 55 -11.74 -4.84 16.80
C VAL A 55 -11.10 -6.18 16.44
N LEU A 56 -9.86 -6.16 15.93
CA LEU A 56 -9.21 -7.40 15.55
C LEU A 56 -8.43 -8.04 16.70
N GLN A 57 -7.98 -7.25 17.67
CA GLN A 57 -7.20 -7.77 18.78
C GLN A 57 -8.05 -8.11 20.00
N ARG A 58 -9.28 -7.59 20.08
CA ARG A 58 -10.14 -7.93 21.21
C ARG A 58 -10.42 -9.43 21.25
N LYS A 59 -10.66 -10.05 20.10
CA LYS A 59 -10.88 -11.49 20.02
C LYS A 59 -9.85 -12.13 19.09
N PRO A 60 -8.89 -12.88 19.61
CA PRO A 60 -7.85 -13.45 18.73
C PRO A 60 -8.32 -14.64 17.92
N GLN A 61 -9.22 -15.46 18.48
CA GLN A 61 -9.76 -16.65 17.78
C GLN A 61 -10.81 -16.22 16.75
N LEU A 62 -10.37 -15.47 15.72
CA LEU A 62 -11.29 -14.99 14.65
C LEU A 62 -10.86 -15.61 13.31
N LEU A 63 -11.82 -16.17 12.58
CA LEU A 63 -11.60 -16.82 11.25
C LEU A 63 -10.56 -17.93 11.38
N GLN A 64 -9.57 -17.96 10.49
CA GLN A 64 -8.51 -19.00 10.50
C GLN A 64 -7.31 -18.50 9.69
N VAL A 65 -6.15 -18.40 10.34
CA VAL A 65 -4.87 -17.90 9.74
C VAL A 65 -5.13 -16.69 8.83
N THR A 66 -5.93 -15.73 9.30
CA THR A 66 -6.26 -14.52 8.48
C THR A 66 -5.94 -13.27 9.31
N ASN A 67 -6.36 -13.27 10.57
CA ASN A 67 -6.10 -12.15 11.47
C ASN A 67 -4.63 -11.75 11.45
N ARG A 68 -3.74 -12.73 11.32
CA ARG A 68 -2.31 -12.45 11.22
C ARG A 68 -2.01 -11.60 10.00
N PHE A 69 -2.56 -11.97 8.84
CA PHE A 69 -2.30 -11.21 7.62
C PHE A 69 -2.88 -9.79 7.72
N ILE A 70 -4.12 -9.67 8.20
CA ILE A 70 -4.74 -8.36 8.29
C ILE A 70 -4.00 -7.48 9.28
N PHE A 71 -3.58 -8.05 10.42
CA PHE A 71 -2.82 -7.29 11.40
C PHE A 71 -1.46 -6.89 10.85
N ASN A 72 -0.84 -7.75 10.05
CA ASN A 72 0.44 -7.39 9.44
C ASN A 72 0.28 -6.22 8.49
N LEU A 73 -0.77 -6.25 7.66
CA LEU A 73 -1.04 -5.09 6.79
C LEU A 73 -1.30 -3.83 7.60
N LEU A 74 -2.07 -3.96 8.68
CA LEU A 74 -2.40 -2.83 9.54
C LEU A 74 -1.16 -2.23 10.17
N VAL A 75 -0.26 -3.08 10.69
CA VAL A 75 0.92 -2.57 11.38
C VAL A 75 1.91 -1.98 10.38
N THR A 76 2.04 -2.57 9.19
CA THR A 76 2.94 -1.94 8.22
C THR A 76 2.35 -0.65 7.64
N ASP A 77 1.03 -0.47 7.73
CA ASP A 77 0.45 0.83 7.42
C ASP A 77 0.73 1.85 8.53
N LEU A 78 0.50 1.45 9.78
CA LEU A 78 0.69 2.39 10.89
C LEU A 78 2.14 2.80 11.06
N LEU A 79 3.07 1.84 10.93
CA LEU A 79 4.48 2.16 11.05
C LEU A 79 4.91 3.14 9.97
N GLN A 80 4.46 2.91 8.73
CA GLN A 80 4.75 3.86 7.66
C GLN A 80 4.19 5.24 7.99
N ILE A 81 2.95 5.27 8.46
CA ILE A 81 2.32 6.55 8.78
C ILE A 81 3.16 7.31 9.80
N SER A 82 3.47 6.66 10.91
CA SER A 82 4.08 7.35 12.04
C SER A 82 5.56 7.65 11.82
N LEU A 83 6.26 6.84 11.03
CA LEU A 83 7.67 7.07 10.76
C LEU A 83 7.93 7.77 9.43
N VAL A 84 6.88 8.17 8.72
CA VAL A 84 7.03 8.88 7.44
C VAL A 84 6.42 10.29 7.51
N ALA A 85 5.24 10.42 8.13
CA ALA A 85 4.56 11.71 8.13
C ALA A 85 5.39 12.85 8.74
N PRO A 86 6.00 12.71 9.92
CA PRO A 86 6.68 13.88 10.51
C PRO A 86 7.77 14.45 9.64
N TRP A 87 8.62 13.60 9.03
CA TRP A 87 9.71 14.12 8.22
C TRP A 87 9.20 14.76 6.94
N VAL A 88 8.21 14.13 6.29
CA VAL A 88 7.63 14.68 5.07
C VAL A 88 6.98 16.02 5.31
N VAL A 89 6.29 16.19 6.44
CA VAL A 89 5.74 17.49 6.79
C VAL A 89 6.81 18.51 7.18
N ALA A 90 7.84 18.10 7.93
CA ALA A 90 8.83 19.01 8.46
C ALA A 90 9.85 19.48 7.44
N THR A 91 10.03 18.73 6.34
CA THR A 91 10.97 19.18 5.32
C THR A 91 10.44 20.35 4.50
N SER A 92 9.14 20.66 4.64
CA SER A 92 8.52 21.76 3.87
C SER A 92 8.64 23.09 4.63
N VAL A 93 8.91 23.03 5.94
CA VAL A 93 9.05 24.24 6.75
C VAL A 93 10.34 24.94 6.31
N PRO A 94 10.36 26.28 6.25
CA PRO A 94 11.53 26.95 5.65
C PRO A 94 12.74 27.01 6.56
N LEU A 95 13.20 25.83 7.02
CA LEU A 95 14.37 25.82 7.93
C LEU A 95 15.34 24.70 7.55
N PHE A 96 16.63 24.86 7.87
CA PHE A 96 17.70 23.85 7.62
C PHE A 96 17.61 23.33 6.17
N TRP A 97 17.58 24.24 5.20
CA TRP A 97 17.41 23.86 3.76
C TRP A 97 18.54 22.93 3.26
N PRO A 98 19.83 23.18 3.57
CA PRO A 98 20.93 22.32 3.09
C PRO A 98 20.71 20.81 3.27
N LEU A 99 20.43 20.39 4.51
CA LEU A 99 20.17 19.00 4.92
C LEU A 99 21.41 18.16 4.58
N ASN A 100 21.19 16.94 4.07
CA ASN A 100 22.29 16.02 3.69
C ASN A 100 21.71 14.91 2.81
N SER A 101 22.43 14.51 1.75
CA SER A 101 21.89 13.47 0.87
C SER A 101 21.56 12.20 1.65
N HIS A 102 22.35 11.89 2.69
CA HIS A 102 22.14 10.67 3.44
C HIS A 102 20.76 10.65 4.11
N PHE A 103 20.25 11.82 4.52
CA PHE A 103 18.98 11.90 5.21
C PHE A 103 17.82 11.39 4.35
N CYS A 104 17.55 12.07 3.23
CA CYS A 104 16.47 11.63 2.36
C CYS A 104 16.80 10.29 1.72
N THR A 105 18.10 9.99 1.59
CA THR A 105 18.52 8.69 1.09
C THR A 105 18.04 7.56 2.00
N ALA A 106 18.17 7.72 3.31
CA ALA A 106 17.66 6.74 4.26
C ALA A 106 16.14 6.80 4.41
N LEU A 107 15.53 7.97 4.23
CA LEU A 107 14.09 8.11 4.34
C LEU A 107 13.35 7.41 3.20
N VAL A 108 13.85 7.58 1.97
CA VAL A 108 13.23 6.95 0.81
C VAL A 108 13.34 5.44 0.92
N SER A 109 14.45 4.94 1.46
CA SER A 109 14.61 3.50 1.67
C SER A 109 13.54 2.97 2.62
N LEU A 110 13.29 3.68 3.73
CA LEU A 110 12.25 3.25 4.66
C LEU A 110 10.88 3.28 4.01
N THR A 111 10.57 4.34 3.26
CA THR A 111 9.28 4.44 2.60
C THR A 111 9.09 3.29 1.60
N HIS A 112 10.11 3.00 0.80
CA HIS A 112 10.03 1.92 -0.16
C HIS A 112 9.89 0.57 0.53
N LEU A 113 10.61 0.37 1.64
CA LEU A 113 10.49 -0.88 2.38
C LEU A 113 9.07 -1.09 2.88
N PHE A 114 8.48 -0.03 3.46
CA PHE A 114 7.12 -0.16 3.96
C PHE A 114 6.12 -0.40 2.84
N ALA A 115 6.27 0.30 1.71
CA ALA A 115 5.38 0.09 0.58
C ALA A 115 5.50 -1.33 0.04
N PHE A 116 6.73 -1.84 -0.06
CA PHE A 116 6.94 -3.19 -0.58
C PHE A 116 6.37 -4.24 0.36
N ALA A 117 6.52 -4.04 1.67
CA ALA A 117 5.90 -4.95 2.64
C ALA A 117 4.39 -4.95 2.49
N SER A 118 3.79 -3.77 2.33
CA SER A 118 2.35 -3.69 2.14
C SER A 118 1.93 -4.42 0.86
N VAL A 119 2.67 -4.23 -0.23
CA VAL A 119 2.33 -4.86 -1.50
C VAL A 119 2.43 -6.38 -1.40
N ASN A 120 3.50 -6.89 -0.78
CA ASN A 120 3.66 -8.32 -0.67
C ASN A 120 2.58 -8.93 0.22
N THR A 121 2.23 -8.25 1.32
CA THR A 121 1.11 -8.72 2.13
C THR A 121 -0.20 -8.71 1.34
N ILE A 122 -0.38 -7.70 0.49
CA ILE A 122 -1.58 -7.63 -0.34
C ILE A 122 -1.66 -8.85 -1.26
N VAL A 123 -0.53 -9.19 -1.88
CA VAL A 123 -0.49 -10.33 -2.79
C VAL A 123 -0.78 -11.62 -2.04
N VAL A 124 -0.19 -11.79 -0.87
CA VAL A 124 -0.41 -13.01 -0.08
C VAL A 124 -1.87 -13.12 0.32
N VAL A 125 -2.48 -12.00 0.75
CA VAL A 125 -3.89 -12.02 1.14
C VAL A 125 -4.77 -12.37 -0.04
N SER A 126 -4.48 -11.81 -1.22
CA SER A 126 -5.27 -12.14 -2.40
C SER A 126 -5.16 -13.62 -2.76
N VAL A 127 -3.95 -14.17 -2.68
CA VAL A 127 -3.76 -15.59 -2.98
C VAL A 127 -4.53 -16.45 -1.99
N ASP A 128 -4.48 -16.08 -0.70
CA ASP A 128 -5.23 -16.84 0.30
C ASP A 128 -6.73 -16.76 0.04
N ARG A 129 -7.22 -15.59 -0.35
CA ARG A 129 -8.65 -15.44 -0.66
C ARG A 129 -9.05 -16.34 -1.83
N TYR A 130 -8.21 -16.38 -2.87
CA TYR A 130 -8.51 -17.24 -4.01
C TYR A 130 -8.50 -18.70 -3.61
N LEU A 131 -7.51 -19.11 -2.81
CA LEU A 131 -7.42 -20.50 -2.36
C LEU A 131 -8.55 -20.86 -1.40
N SER A 132 -9.18 -19.87 -0.77
CA SER A 132 -10.33 -20.14 0.10
C SER A 132 -11.62 -20.26 -0.70
N ILE A 133 -11.80 -19.40 -1.71
CA ILE A 133 -13.02 -19.46 -2.51
C ILE A 133 -13.08 -20.75 -3.31
N ILE A 134 -11.99 -21.12 -3.96
CA ILE A 134 -11.91 -22.34 -4.76
C ILE A 134 -11.33 -23.44 -3.89
N HIS A 135 -11.80 -24.68 -4.11
CA HIS A 135 -11.48 -25.84 -3.29
C HIS A 135 -11.91 -25.61 -1.85
N PRO A 136 -13.21 -25.44 -1.58
CA PRO A 136 -13.64 -25.17 -0.21
C PRO A 136 -13.43 -26.33 0.75
N LEU A 137 -13.28 -27.55 0.24
CA LEU A 137 -13.21 -28.72 1.12
C LEU A 137 -11.83 -28.86 1.76
N SER A 138 -10.79 -29.03 0.94
CA SER A 138 -9.45 -29.25 1.46
C SER A 138 -8.68 -27.94 1.62
N TYR A 139 -9.32 -26.95 2.25
CA TYR A 139 -8.66 -25.71 2.61
C TYR A 139 -7.85 -25.85 3.89
N PRO A 140 -8.40 -26.42 4.98
CA PRO A 140 -7.61 -26.52 6.22
C PRO A 140 -6.34 -27.34 6.07
N SER A 141 -6.34 -28.36 5.21
CA SER A 141 -5.16 -29.21 5.05
C SER A 141 -4.08 -28.58 4.19
N LYS A 142 -4.33 -27.40 3.61
CA LYS A 142 -3.36 -26.72 2.77
C LYS A 142 -2.78 -25.46 3.40
N MET A 143 -3.43 -24.89 4.41
CA MET A 143 -2.99 -23.65 5.05
C MET A 143 -3.03 -23.83 6.56
N THR A 144 -1.91 -24.22 7.14
CA THR A 144 -1.79 -24.38 8.58
C THR A 144 -1.13 -23.15 9.20
N GLN A 145 -1.04 -23.15 10.53
CA GLN A 145 -0.43 -22.04 11.24
C GLN A 145 1.05 -21.90 10.89
N ARG A 146 1.75 -23.03 10.76
CA ARG A 146 3.16 -22.98 10.38
C ARG A 146 3.35 -22.33 9.03
N ARG A 147 2.50 -22.67 8.05
CA ARG A 147 2.61 -22.06 6.74
C ARG A 147 2.32 -20.57 6.79
N GLY A 148 1.34 -20.16 7.60
CA GLY A 148 1.06 -18.74 7.72
C GLY A 148 2.22 -17.96 8.32
N TYR A 149 2.80 -18.49 9.40
CA TYR A 149 3.94 -17.81 10.02
C TYR A 149 5.14 -17.79 9.08
N LEU A 150 5.38 -18.89 8.36
CA LEU A 150 6.47 -18.91 7.40
C LEU A 150 6.24 -17.90 6.29
N LEU A 151 4.99 -17.76 5.82
CA LEU A 151 4.68 -16.78 4.79
C LEU A 151 4.91 -15.36 5.29
N LEU A 152 4.53 -15.08 6.54
CA LEU A 152 4.74 -13.75 7.10
C LEU A 152 6.24 -13.44 7.20
N TYR A 153 7.01 -14.40 7.70
CA TYR A 153 8.46 -14.20 7.76
C TYR A 153 9.05 -14.02 6.38
N GLY A 154 8.55 -14.78 5.40
CA GLY A 154 9.07 -14.66 4.05
C GLY A 154 8.77 -13.31 3.41
N THR A 155 7.55 -12.80 3.59
CA THR A 155 7.22 -11.50 3.00
C THR A 155 8.02 -10.39 3.66
N TRP A 156 8.18 -10.45 4.98
CA TRP A 156 9.01 -9.44 5.64
C TRP A 156 10.46 -9.54 5.18
N ILE A 157 10.99 -10.75 5.04
CA ILE A 157 12.38 -10.93 4.61
C ILE A 157 12.57 -10.39 3.20
N VAL A 158 11.62 -10.68 2.31
CA VAL A 158 11.70 -10.18 0.93
C VAL A 158 11.65 -8.67 0.91
N ALA A 159 10.70 -8.08 1.66
CA ALA A 159 10.58 -6.63 1.68
C ALA A 159 11.84 -5.97 2.23
N ILE A 160 12.51 -6.60 3.19
CA ILE A 160 13.74 -6.04 3.73
C ILE A 160 14.89 -6.18 2.74
N LEU A 161 15.01 -7.36 2.13
CA LEU A 161 16.21 -7.68 1.36
C LEU A 161 16.15 -7.10 -0.05
N GLN A 162 15.10 -7.43 -0.80
CA GLN A 162 15.03 -7.01 -2.19
C GLN A 162 14.95 -5.50 -2.31
N SER A 163 14.34 -4.85 -1.32
CA SER A 163 14.33 -3.39 -1.27
C SER A 163 15.63 -2.86 -0.67
N THR A 164 15.82 -1.55 -0.80
CA THR A 164 17.02 -0.81 -0.40
C THR A 164 18.33 -1.33 -0.98
N PRO A 165 18.48 -1.47 -2.30
CA PRO A 165 19.82 -1.46 -2.90
C PRO A 165 20.54 -0.14 -2.66
N PRO A 166 19.92 1.02 -2.95
CA PRO A 166 20.73 2.24 -3.09
C PRO A 166 21.44 2.67 -1.83
N LEU A 167 21.14 2.06 -0.68
CA LEU A 167 21.92 2.33 0.53
C LEU A 167 23.37 1.90 0.35
N TYR A 168 23.62 0.95 -0.56
CA TYR A 168 24.95 0.43 -0.81
C TYR A 168 25.29 0.32 -2.29
N GLY A 169 24.32 0.51 -3.19
CA GLY A 169 24.56 0.26 -4.59
C GLY A 169 23.83 1.18 -5.55
N TRP A 170 23.26 0.59 -6.61
CA TRP A 170 22.64 1.38 -7.66
C TRP A 170 21.42 2.14 -7.13
N GLY A 171 21.20 3.34 -7.66
CA GLY A 171 20.14 4.20 -7.18
C GLY A 171 20.67 5.26 -6.24
N GLN A 172 20.14 6.49 -6.34
CA GLN A 172 20.56 7.60 -5.50
C GLN A 172 19.44 8.61 -5.38
N ALA A 173 19.35 9.24 -4.21
CA ALA A 173 18.40 10.31 -3.97
C ALA A 173 19.12 11.66 -3.90
N ALA A 174 18.37 12.73 -4.12
CA ALA A 174 18.92 14.07 -4.09
C ALA A 174 17.80 15.05 -3.78
N PHE A 175 18.20 16.27 -3.42
CA PHE A 175 17.28 17.36 -3.13
C PHE A 175 16.97 18.14 -4.39
N ASP A 176 15.72 18.59 -4.49
CA ASP A 176 15.27 19.42 -5.61
C ASP A 176 14.85 20.77 -5.07
N GLU A 177 15.42 21.84 -5.63
CA GLU A 177 15.09 23.20 -5.25
C GLU A 177 13.82 23.69 -5.94
N ARG A 178 13.01 22.78 -6.49
CA ARG A 178 11.80 23.13 -7.22
C ARG A 178 10.58 22.66 -6.46
N ASN A 179 10.69 21.46 -5.88
CA ASN A 179 9.64 20.82 -5.04
C ASN A 179 10.26 20.53 -3.67
N ALA A 180 11.59 20.40 -3.62
CA ALA A 180 12.37 20.16 -2.39
C ALA A 180 11.89 18.91 -1.64
N LEU A 181 11.58 17.82 -2.36
CA LEU A 181 11.12 16.57 -1.72
C LEU A 181 12.29 15.61 -1.47
N CYS A 182 13.48 15.94 -1.98
CA CYS A 182 14.70 15.08 -1.83
C CYS A 182 14.40 13.66 -2.31
N SER A 183 13.74 13.53 -3.48
CA SER A 183 13.39 12.19 -4.03
C SER A 183 14.60 11.57 -4.75
N MET A 184 14.50 10.29 -5.11
CA MET A 184 15.62 9.59 -5.80
C MET A 184 15.50 9.84 -7.30
N ILE A 185 16.64 10.01 -7.99
CA ILE A 185 16.64 10.28 -9.45
C ILE A 185 16.75 8.96 -10.22
N TRP A 186 15.76 8.65 -11.06
CA TRP A 186 15.73 7.44 -11.86
C TRP A 186 16.56 7.54 -13.14
N GLY A 187 17.21 8.67 -13.37
CA GLY A 187 17.98 8.86 -14.59
C GLY A 187 19.43 8.46 -14.48
N ALA A 188 19.76 7.67 -13.45
CA ALA A 188 21.12 7.23 -13.21
C ALA A 188 21.29 5.72 -13.28
N SER A 189 20.34 4.95 -12.74
CA SER A 189 20.42 3.49 -12.73
C SER A 189 19.13 2.93 -13.31
N PRO A 190 19.08 2.74 -14.64
CA PRO A 190 17.85 2.20 -15.24
C PRO A 190 17.49 0.81 -14.74
N SER A 191 18.48 0.00 -14.37
CA SER A 191 18.19 -1.36 -13.91
C SER A 191 17.34 -1.35 -12.65
N TYR A 192 17.69 -0.50 -11.68
CA TYR A 192 16.90 -0.42 -10.46
C TYR A 192 15.50 0.13 -10.75
N THR A 193 15.39 1.09 -11.66
CA THR A 193 14.07 1.59 -12.03
C THR A 193 13.20 0.49 -12.62
N ILE A 194 13.78 -0.32 -13.50
CA ILE A 194 13.03 -1.43 -14.10
C ILE A 194 12.62 -2.43 -13.03
N LEU A 195 13.54 -2.76 -12.12
CA LEU A 195 13.24 -3.72 -11.06
C LEU A 195 12.12 -3.21 -10.16
N SER A 196 12.17 -1.94 -9.78
CA SER A 196 11.11 -1.37 -8.96
C SER A 196 9.79 -1.37 -9.70
N VAL A 197 9.82 -1.07 -11.01
CA VAL A 197 8.60 -1.04 -11.80
C VAL A 197 7.94 -2.42 -11.84
N VAL A 198 8.74 -3.46 -12.08
CA VAL A 198 8.15 -4.79 -12.20
C VAL A 198 7.69 -5.28 -10.82
N SER A 199 8.46 -5.01 -9.77
CA SER A 199 8.05 -5.44 -8.44
C SER A 199 6.89 -4.63 -7.89
N PHE A 200 6.58 -3.48 -8.49
CA PHE A 200 5.50 -2.63 -8.00
C PHE A 200 4.13 -3.03 -8.57
N ILE A 201 4.00 -3.05 -9.89
CA ILE A 201 2.70 -3.12 -10.54
C ILE A 201 2.50 -4.46 -11.26
N VAL A 202 3.50 -4.90 -12.02
CA VAL A 202 3.31 -6.00 -12.97
C VAL A 202 2.87 -7.27 -12.25
N ILE A 203 3.73 -7.78 -11.37
CA ILE A 203 3.43 -9.05 -10.70
C ILE A 203 2.17 -8.97 -9.84
N PRO A 204 1.99 -7.96 -8.97
CA PRO A 204 0.73 -7.92 -8.19
C PRO A 204 -0.52 -7.83 -9.05
N LEU A 205 -0.49 -7.02 -10.11
CA LEU A 205 -1.66 -6.89 -10.97
C LEU A 205 -1.97 -8.20 -11.68
N ILE A 206 -0.93 -8.87 -12.20
CA ILE A 206 -1.14 -10.14 -12.90
C ILE A 206 -1.71 -11.17 -11.93
N VAL A 207 -1.14 -11.27 -10.73
CA VAL A 207 -1.61 -12.24 -9.76
C VAL A 207 -3.05 -11.95 -9.36
N MET A 208 -3.38 -10.68 -9.11
CA MET A 208 -4.74 -10.32 -8.72
C MET A 208 -5.73 -10.65 -9.82
N ILE A 209 -5.40 -10.31 -11.08
CA ILE A 209 -6.32 -10.58 -12.17
C ILE A 209 -6.54 -12.08 -12.33
N ALA A 210 -5.45 -12.86 -12.30
CA ALA A 210 -5.57 -14.30 -12.47
C ALA A 210 -6.38 -14.93 -11.33
N CYS A 211 -6.16 -14.47 -10.10
CA CYS A 211 -6.86 -15.04 -8.96
C CYS A 211 -8.32 -14.60 -8.89
N TYR A 212 -8.65 -13.43 -9.45
CA TYR A 212 -10.01 -12.93 -9.35
C TYR A 212 -10.89 -13.32 -10.54
N SER A 213 -10.32 -13.62 -11.69
CA SER A 213 -11.14 -14.03 -12.82
C SER A 213 -11.88 -15.33 -12.53
N VAL A 214 -11.20 -16.31 -11.94
CA VAL A 214 -11.84 -17.58 -11.61
C VAL A 214 -12.91 -17.39 -10.55
N VAL A 215 -12.64 -16.54 -9.55
CA VAL A 215 -13.62 -16.27 -8.51
C VAL A 215 -14.86 -15.61 -9.12
N PHE A 216 -14.67 -14.67 -10.04
CA PHE A 216 -15.80 -14.02 -10.69
C PHE A 216 -16.60 -15.02 -11.50
N CYS A 217 -15.93 -15.92 -12.24
CA CYS A 217 -16.65 -16.93 -13.00
C CYS A 217 -17.46 -17.85 -12.10
N ALA A 218 -16.87 -18.28 -10.98
CA ALA A 218 -17.58 -19.14 -10.05
C ALA A 218 -18.78 -18.42 -9.44
N ALA A 219 -18.60 -17.14 -9.08
CA ALA A 219 -19.71 -16.38 -8.53
C ALA A 219 -20.84 -16.21 -9.55
N ARG A 220 -20.47 -15.93 -10.79
CA ARG A 220 -21.48 -15.76 -11.88
C ARG A 220 -22.28 -17.06 -11.97
N ARG A 221 -21.58 -18.19 -12.06
CA ARG A 221 -22.22 -19.53 -12.16
C ARG A 221 -23.17 -19.72 -10.98
N GLN A 222 -22.67 -19.53 -9.75
CA GLN A 222 -23.51 -19.73 -8.57
C GLN A 222 -24.76 -18.84 -8.62
N HIS A 223 -24.60 -17.59 -9.06
CA HIS A 223 -25.74 -16.70 -9.18
C HIS A 223 -26.74 -17.23 -10.20
N ALA A 224 -26.25 -17.71 -11.34
CA ALA A 224 -27.14 -18.25 -12.36
C ALA A 224 -27.88 -19.48 -11.84
N LEU A 225 -27.18 -20.35 -11.10
CA LEU A 225 -27.82 -21.53 -10.54
C LEU A 225 -28.88 -21.14 -9.51
N LEU A 226 -28.57 -20.17 -8.65
CA LEU A 226 -29.48 -19.84 -7.55
C LEU A 226 -30.72 -19.11 -8.05
N TYR A 227 -30.54 -18.11 -8.91
CA TYR A 227 -31.65 -17.28 -9.35
C TYR A 227 -32.30 -17.78 -10.63
N ASN A 228 -31.87 -18.92 -11.17
CA ASN A 228 -32.42 -19.55 -12.37
C ASN A 228 -32.82 -18.55 -13.47
N CYS A 395 -24.75 -8.88 -11.65
CA CYS A 395 -23.78 -7.82 -11.87
C CYS A 395 -23.21 -7.31 -10.55
N LYS A 396 -23.70 -7.88 -9.45
CA LYS A 396 -23.23 -7.46 -8.13
C LYS A 396 -21.80 -7.88 -7.89
N ALA A 397 -21.39 -9.05 -8.39
CA ALA A 397 -20.07 -9.59 -8.11
C ALA A 397 -18.95 -8.83 -8.82
N ALA A 398 -19.26 -8.03 -9.83
CA ALA A 398 -18.24 -7.29 -10.55
C ALA A 398 -17.86 -5.99 -9.87
N LYS A 399 -18.78 -5.42 -9.08
CA LYS A 399 -18.52 -4.12 -8.45
C LYS A 399 -17.36 -4.22 -7.46
N VAL A 400 -17.32 -5.30 -6.66
CA VAL A 400 -16.27 -5.43 -5.65
C VAL A 400 -14.90 -5.58 -6.31
N ILE A 401 -14.81 -6.43 -7.33
CA ILE A 401 -13.54 -6.63 -8.02
C ILE A 401 -13.10 -5.34 -8.70
N PHE A 402 -14.03 -4.65 -9.36
CA PHE A 402 -13.69 -3.39 -10.00
C PHE A 402 -13.20 -2.36 -8.99
N ILE A 403 -13.87 -2.28 -7.83
CA ILE A 403 -13.46 -1.33 -6.80
C ILE A 403 -12.06 -1.65 -6.31
N ILE A 404 -11.77 -2.94 -6.06
CA ILE A 404 -10.45 -3.31 -5.56
C ILE A 404 -9.37 -2.95 -6.57
N ILE A 405 -9.58 -3.33 -7.84
CA ILE A 405 -8.56 -3.09 -8.86
C ILE A 405 -8.37 -1.59 -9.08
N PHE A 406 -9.48 -0.84 -9.15
CA PHE A 406 -9.39 0.60 -9.37
C PHE A 406 -8.70 1.30 -8.21
N SER A 407 -8.99 0.88 -6.98
CA SER A 407 -8.34 1.48 -5.82
C SER A 407 -6.84 1.22 -5.84
N TYR A 408 -6.45 -0.03 -6.13
CA TYR A 408 -5.01 -0.33 -6.16
C TYR A 408 -4.31 0.46 -7.26
N VAL A 409 -4.94 0.55 -8.44
CA VAL A 409 -4.33 1.28 -9.55
C VAL A 409 -4.21 2.76 -9.22
N LEU A 410 -5.30 3.36 -8.72
CA LEU A 410 -5.25 4.78 -8.37
C LEU A 410 -4.23 5.05 -7.27
N SER A 411 -4.01 4.09 -6.37
CA SER A 411 -3.03 4.28 -5.32
C SER A 411 -1.60 4.21 -5.85
N LEU A 412 -1.32 3.26 -6.74
CA LEU A 412 0.08 2.95 -7.05
C LEU A 412 0.56 3.40 -8.42
N GLY A 413 -0.31 3.50 -9.42
CA GLY A 413 0.09 3.73 -10.78
C GLY A 413 0.85 5.01 -11.08
N PRO A 414 0.36 6.17 -10.61
CA PRO A 414 1.01 7.43 -10.98
C PRO A 414 2.49 7.50 -10.61
N TYR A 415 2.89 6.92 -9.48
CA TYR A 415 4.30 6.95 -9.12
C TYR A 415 5.14 6.17 -10.13
N CYS A 416 4.67 4.99 -10.54
CA CYS A 416 5.38 4.22 -11.55
C CYS A 416 5.38 4.93 -12.89
N PHE A 417 4.28 5.63 -13.20
CA PHE A 417 4.17 6.41 -14.46
C PHE A 417 5.27 7.48 -14.46
N LEU A 418 5.41 8.21 -13.36
CA LEU A 418 6.43 9.25 -13.24
C LEU A 418 7.83 8.66 -13.32
N ALA A 419 8.05 7.54 -12.63
CA ALA A 419 9.38 6.91 -12.65
C ALA A 419 9.75 6.47 -14.06
N VAL A 420 8.81 5.88 -14.79
CA VAL A 420 9.09 5.44 -16.16
C VAL A 420 9.35 6.64 -17.05
N LEU A 421 8.56 7.71 -16.91
CA LEU A 421 8.74 8.89 -17.76
C LEU A 421 10.03 9.63 -17.44
N ALA A 422 10.56 9.50 -16.22
CA ALA A 422 11.74 10.26 -15.84
C ALA A 422 12.99 9.85 -16.63
N VAL A 423 13.04 8.60 -17.11
CA VAL A 423 14.27 8.12 -17.73
C VAL A 423 14.50 8.82 -19.07
N TRP A 424 13.44 9.10 -19.82
CA TRP A 424 13.59 9.69 -21.15
C TRP A 424 13.78 11.20 -21.07
N VAL A 425 12.80 11.91 -20.52
CA VAL A 425 12.84 13.36 -20.47
C VAL A 425 13.10 13.80 -19.04
N ASP A 426 13.50 15.06 -18.88
CA ASP A 426 13.78 15.62 -17.57
C ASP A 426 12.48 15.85 -16.80
N VAL A 427 12.63 16.06 -15.49
CA VAL A 427 11.48 16.26 -14.62
C VAL A 427 11.51 17.58 -13.87
N GLU A 428 12.68 18.15 -13.58
CA GLU A 428 12.79 19.36 -12.79
C GLU A 428 12.15 20.55 -13.49
N THR A 429 12.39 20.70 -14.79
CA THR A 429 11.90 21.84 -15.55
C THR A 429 10.85 21.48 -16.59
N GLN A 430 10.41 20.22 -16.63
CA GLN A 430 9.44 19.78 -17.63
C GLN A 430 8.09 19.42 -17.04
N VAL A 431 7.96 19.35 -15.72
CA VAL A 431 6.72 18.94 -15.08
C VAL A 431 6.21 20.07 -14.20
N PRO A 432 4.94 20.45 -14.31
CA PRO A 432 4.38 21.48 -13.43
C PRO A 432 4.28 20.99 -11.99
N GLN A 433 4.27 21.95 -11.07
CA GLN A 433 4.28 21.64 -9.65
C GLN A 433 3.03 20.88 -9.21
N TRP A 434 1.87 21.30 -9.74
CA TRP A 434 0.56 20.69 -9.35
C TRP A 434 0.53 19.19 -9.66
N VAL A 435 1.22 18.75 -10.73
CA VAL A 435 1.24 17.34 -11.07
C VAL A 435 2.00 16.53 -10.01
N ILE A 436 3.18 17.03 -9.61
CA ILE A 436 3.95 16.36 -8.57
C ILE A 436 3.19 16.38 -7.25
N THR A 437 2.52 17.49 -6.96
CA THR A 437 1.74 17.58 -5.73
C THR A 437 0.62 16.55 -5.72
N ILE A 438 -0.09 16.39 -6.84
CA ILE A 438 -1.17 15.41 -6.91
C ILE A 438 -0.62 13.99 -6.82
N ILE A 439 0.57 13.75 -7.41
CA ILE A 439 1.16 12.42 -7.36
C ILE A 439 1.50 12.05 -5.91
N ILE A 440 2.17 12.96 -5.20
CA ILE A 440 2.51 12.70 -3.80
C ILE A 440 1.28 12.69 -2.90
N TRP A 441 0.21 13.37 -3.32
CA TRP A 441 -1.08 13.29 -2.65
C TRP A 441 -1.69 11.91 -2.76
N LEU A 442 -1.69 11.35 -3.97
CA LEU A 442 -2.32 10.05 -4.22
C LEU A 442 -1.49 8.90 -3.69
N PHE A 443 -0.17 9.07 -3.59
CA PHE A 443 0.68 8.00 -3.07
C PHE A 443 0.30 7.64 -1.65
N PHE A 444 0.01 8.64 -0.81
CA PHE A 444 -0.28 8.40 0.60
C PHE A 444 -1.75 8.05 0.85
N LEU A 445 -2.60 8.12 -0.17
CA LEU A 445 -4.01 7.78 0.01
C LEU A 445 -4.21 6.29 0.29
N GLN A 446 -3.23 5.44 -0.05
CA GLN A 446 -3.34 4.02 0.23
C GLN A 446 -3.48 3.75 1.72
N CYS A 447 -2.92 4.64 2.56
CA CYS A 447 -2.98 4.45 4.01
C CYS A 447 -4.43 4.43 4.50
N CYS A 448 -5.27 5.31 3.95
CA CYS A 448 -6.68 5.29 4.29
C CYS A 448 -7.47 4.31 3.44
N ILE A 449 -7.00 4.03 2.21
CA ILE A 449 -7.75 3.15 1.31
C ILE A 449 -7.74 1.72 1.83
N HIS A 450 -6.58 1.22 2.28
CA HIS A 450 -6.46 -0.19 2.63
C HIS A 450 -7.43 -0.63 3.74
N PRO A 451 -7.54 0.06 4.88
CA PRO A 451 -8.46 -0.43 5.92
C PRO A 451 -9.90 -0.51 5.45
N TYR A 452 -10.38 0.47 4.68
CA TYR A 452 -11.75 0.42 4.19
C TYR A 452 -11.96 -0.75 3.24
N VAL A 453 -11.00 -0.98 2.33
CA VAL A 453 -11.17 -1.99 1.30
C VAL A 453 -11.11 -3.39 1.91
N TYR A 454 -10.20 -3.62 2.86
CA TYR A 454 -9.94 -4.99 3.32
C TYR A 454 -10.45 -5.29 4.72
N GLY A 455 -10.91 -4.30 5.48
CA GLY A 455 -11.49 -4.59 6.77
C GLY A 455 -12.98 -4.32 6.82
N TYR A 456 -13.41 -3.24 6.16
CA TYR A 456 -14.80 -2.84 6.24
C TYR A 456 -15.71 -3.60 5.28
N MET A 457 -15.15 -4.26 4.27
CA MET A 457 -15.95 -5.02 3.33
C MET A 457 -16.27 -6.42 3.81
N HIS A 458 -15.58 -6.93 4.82
CA HIS A 458 -15.91 -8.22 5.41
C HIS A 458 -17.17 -8.07 6.26
N LYS A 459 -18.08 -9.03 6.15
CA LYS A 459 -19.37 -8.91 6.82
C LYS A 459 -19.21 -8.97 8.34
N THR A 460 -18.48 -9.98 8.84
CA THR A 460 -18.34 -10.13 10.29
C THR A 460 -17.56 -8.96 10.90
N ILE A 461 -16.48 -8.53 10.25
CA ILE A 461 -15.68 -7.44 10.79
C ILE A 461 -16.47 -6.14 10.78
N LYS A 462 -17.22 -5.88 9.70
CA LYS A 462 -18.06 -4.69 9.65
C LYS A 462 -19.11 -4.73 10.75
N LYS A 463 -19.75 -5.89 10.94
CA LYS A 463 -20.77 -6.02 11.98
C LYS A 463 -20.18 -5.74 13.36
N GLU A 464 -19.01 -6.31 13.65
CA GLU A 464 -18.43 -6.13 14.98
C GLU A 464 -17.96 -4.69 15.19
N ILE A 465 -17.40 -4.07 14.14
CA ILE A 465 -17.00 -2.67 14.25
C ILE A 465 -18.22 -1.79 14.53
N GLN A 466 -19.30 -2.03 13.80
CA GLN A 466 -20.52 -1.25 14.03
C GLN A 466 -21.05 -1.46 15.44
N ASP A 467 -21.01 -2.73 15.89
CA ASP A 467 -21.49 -3.08 17.26
C ASP A 467 -20.69 -2.31 18.30
N MET A 468 -19.36 -2.33 18.20
CA MET A 468 -18.51 -1.66 19.17
C MET A 468 -18.72 -0.14 19.13
N LEU A 469 -18.78 0.43 17.93
CA LEU A 469 -18.97 1.87 17.80
C LEU A 469 -20.30 2.31 18.39
N LYS A 470 -21.37 1.55 18.14
CA LYS A 470 -22.67 1.90 18.71
C LYS A 470 -22.67 1.75 20.22
N LYS A 471 -21.99 0.72 20.74
CA LYS A 471 -21.92 0.54 22.18
C LYS A 471 -21.16 1.67 22.86
N PHE A 472 -20.05 2.11 22.27
CA PHE A 472 -19.26 3.17 22.90
C PHE A 472 -19.94 4.53 22.76
N PHE A 473 -20.56 4.79 21.61
CA PHE A 473 -21.20 6.07 21.38
C PHE A 473 -22.64 6.06 21.90
#